data_6NXF
#
_entry.id   6NXF
#
_cell.length_a   71.811
_cell.length_b   71.811
_cell.length_c   154.983
_cell.angle_alpha   90.00
_cell.angle_beta   90.00
_cell.angle_gamma   90.00
#
_symmetry.space_group_name_H-M   'P 43 21 2'
#
loop_
_entity.id
_entity.type
_entity.pdbx_description
1 polymer 'Meiotic recombination protein REC114'
2 polymer 'Ankyrin repeat domain 31'
#
loop_
_entity_poly.entity_id
_entity_poly.type
_entity_poly.pdbx_seq_one_letter_code
_entity_poly.pdbx_strand_id
1 'polypeptide(L)'
;(MSE)SEAGNVASGLGLPGEVSQWSLKRYGRF(MSE)LLDNVGSPGPSSEAAAAGSSTWKVFESSEESGSLVLTIVVSGH
FFISQGQTLLEGFSLIGSKNWLKIVRR(MSE)DCLLFGTTIKNKSR(MSE)FRVQFSGESKEEALERCCGCVQTLAQYVT
VQEPDSTTQELQQS
;
A,B
2 'polypeptide(L)' SSRES(MSE)QTIPHYLQIKEILQISKQELLPCHV(MSE)EQHWKFYVGRSHSEALLSW V,U
#
# COMPACT_ATOMS: atom_id res chain seq x y z
N GLY A 12 -15.52 -21.69 -17.36
CA GLY A 12 -16.47 -22.76 -17.59
C GLY A 12 -16.11 -24.05 -16.85
N LEU A 13 -16.53 -24.12 -15.59
CA LEU A 13 -16.24 -25.25 -14.68
C LEU A 13 -17.55 -25.90 -14.28
N PRO A 14 -17.49 -27.01 -13.53
CA PRO A 14 -18.74 -27.66 -13.10
C PRO A 14 -19.56 -26.79 -12.15
N GLY A 15 -20.84 -27.16 -12.04
CA GLY A 15 -21.88 -26.40 -11.37
C GLY A 15 -21.95 -26.52 -9.86
N GLU A 16 -21.06 -27.31 -9.26
CA GLU A 16 -20.90 -27.35 -7.81
C GLU A 16 -19.72 -26.51 -7.32
N VAL A 17 -19.36 -25.46 -8.07
CA VAL A 17 -18.32 -24.53 -7.68
C VAL A 17 -18.84 -23.14 -7.99
N SER A 18 -18.71 -22.24 -7.02
CA SER A 18 -19.14 -20.87 -7.19
C SER A 18 -17.90 -19.98 -7.09
N GLN A 19 -17.78 -19.03 -7.99
CA GLN A 19 -16.63 -18.13 -8.05
C GLN A 19 -17.12 -16.70 -8.11
N TRP A 20 -16.51 -15.84 -7.33
CA TRP A 20 -16.70 -14.40 -7.46
C TRP A 20 -15.36 -13.82 -7.84
N SER A 21 -15.35 -13.02 -8.88
CA SER A 21 -14.16 -12.27 -9.14
C SER A 21 -14.03 -11.12 -8.14
N LEU A 22 -12.80 -10.68 -7.88
CA LEU A 22 -12.50 -9.70 -6.84
C LEU A 22 -11.62 -8.61 -7.42
N LYS A 23 -11.74 -7.43 -6.83
CA LYS A 23 -10.98 -6.27 -7.26
C LYS A 23 -9.67 -6.14 -6.50
N ARG A 24 -9.67 -6.52 -5.22
CA ARG A 24 -8.51 -6.33 -4.38
C ARG A 24 -8.52 -7.40 -3.31
N TYR A 25 -7.36 -7.62 -2.70
CA TYR A 25 -7.23 -8.52 -1.57
C TYR A 25 -6.08 -8.04 -0.71
N GLY A 26 -6.21 -8.20 0.59
CA GLY A 26 -5.24 -7.56 1.44
C GLY A 26 -4.91 -8.41 2.61
N ARG A 27 -3.63 -8.66 2.83
CA ARG A 27 -3.19 -9.39 4.01
C ARG A 27 -2.75 -8.35 5.01
N PHE A 28 -3.17 -8.50 6.24
CA PHE A 28 -2.77 -7.58 7.29
C PHE A 28 -1.38 -7.94 7.75
N LEU A 30 2.19 -6.43 10.34
CA LEU A 30 2.89 -5.47 11.18
C LEU A 30 4.18 -5.07 10.51
N LEU A 31 4.48 -3.79 10.59
CA LEU A 31 5.71 -3.25 10.04
C LEU A 31 6.56 -2.71 11.18
N ASP A 32 7.87 -2.79 11.01
CA ASP A 32 8.80 -2.34 12.03
C ASP A 32 9.18 -0.90 11.78
N ASN A 33 9.03 -0.07 12.82
CA ASN A 33 9.64 1.24 12.90
C ASN A 33 11.14 1.09 13.11
N VAL A 34 11.95 1.55 12.15
CA VAL A 34 13.35 1.83 12.41
C VAL A 34 13.46 3.30 12.83
N GLY A 35 14.61 3.68 13.44
CA GLY A 35 14.80 5.04 13.94
C GLY A 35 16.22 5.58 13.85
N GLY A 47 5.30 -1.53 16.90
CA GLY A 47 5.20 -1.51 15.44
C GLY A 47 3.95 -0.87 14.87
N SER A 48 3.96 -0.56 13.56
CA SER A 48 2.82 0.08 12.92
C SER A 48 2.24 -0.84 11.85
N SER A 49 0.94 -0.68 11.59
CA SER A 49 0.15 -1.66 10.83
C SER A 49 -0.11 -1.21 9.39
N THR A 50 -0.32 -2.18 8.52
CA THR A 50 -0.63 -1.89 7.12
C THR A 50 -1.25 -3.13 6.47
N TRP A 51 -1.68 -2.96 5.20
CA TRP A 51 -2.29 -4.02 4.42
C TRP A 51 -1.39 -4.31 3.22
N LYS A 52 -1.03 -5.58 3.05
CA LYS A 52 -0.32 -6.02 1.86
C LYS A 52 -1.39 -6.32 0.82
N VAL A 53 -1.30 -5.69 -0.34
CA VAL A 53 -2.42 -5.54 -1.26
C VAL A 53 -2.11 -6.17 -2.61
N PHE A 54 -3.03 -7.01 -3.08
CA PHE A 54 -3.02 -7.61 -4.40
C PHE A 54 -4.22 -7.08 -5.17
N GLU A 55 -3.98 -6.71 -6.42
CA GLU A 55 -4.99 -6.05 -7.25
C GLU A 55 -5.15 -6.85 -8.53
N SER A 56 -6.40 -7.15 -8.90
CA SER A 56 -6.69 -7.76 -10.19
C SER A 56 -6.08 -6.97 -11.34
N SER A 57 -5.45 -7.66 -12.27
CA SER A 57 -4.69 -6.97 -13.32
C SER A 57 -4.45 -7.93 -14.51
N GLU A 58 -4.30 -7.33 -15.71
CA GLU A 58 -4.07 -8.12 -16.92
C GLU A 58 -2.71 -8.80 -16.89
N GLU A 59 -1.64 -8.04 -16.59
CA GLU A 59 -0.32 -8.64 -16.41
C GLU A 59 -0.30 -9.60 -15.23
N SER A 60 -1.08 -9.30 -14.18
CA SER A 60 -0.97 -9.99 -12.91
C SER A 60 -1.97 -11.12 -12.74
N GLY A 61 -2.98 -11.20 -13.59
CA GLY A 61 -3.95 -12.26 -13.48
C GLY A 61 -5.10 -11.84 -12.63
N SER A 62 -6.06 -12.75 -12.46
CA SER A 62 -7.37 -12.39 -11.95
C SER A 62 -7.63 -13.01 -10.59
N LEU A 63 -7.83 -12.16 -9.59
CA LEU A 63 -8.27 -12.62 -8.29
C LEU A 63 -9.63 -13.28 -8.39
N VAL A 64 -9.77 -14.48 -7.85
CA VAL A 64 -11.08 -15.11 -7.76
C VAL A 64 -11.24 -15.74 -6.39
N LEU A 65 -12.41 -15.63 -5.83
CA LEU A 65 -12.80 -16.35 -4.62
C LEU A 65 -13.63 -17.54 -5.06
N THR A 66 -13.37 -18.71 -4.51
CA THR A 66 -13.96 -19.95 -5.01
C THR A 66 -14.45 -20.75 -3.83
N ILE A 67 -15.74 -21.03 -3.77
CA ILE A 67 -16.27 -21.95 -2.79
C ILE A 67 -16.75 -23.19 -3.52
N VAL A 68 -16.15 -24.34 -3.17
CA VAL A 68 -16.66 -25.61 -3.66
C VAL A 68 -17.74 -26.05 -2.69
N VAL A 69 -18.56 -27.05 -3.06
CA VAL A 69 -19.62 -27.48 -2.15
C VAL A 69 -19.11 -28.40 -1.05
N SER A 70 -17.86 -28.89 -1.15
CA SER A 70 -17.23 -29.54 -0.01
C SER A 70 -17.22 -28.65 1.23
N GLY A 71 -17.35 -27.33 1.03
CA GLY A 71 -17.01 -26.37 2.05
C GLY A 71 -15.55 -26.01 2.07
N HIS A 72 -14.91 -25.89 0.91
CA HIS A 72 -13.53 -25.43 0.82
C HIS A 72 -13.50 -24.07 0.17
N PHE A 73 -12.63 -23.21 0.69
CA PHE A 73 -12.59 -21.82 0.33
C PHE A 73 -11.23 -21.55 -0.31
N PHE A 74 -11.21 -20.89 -1.46
CA PHE A 74 -9.95 -20.52 -2.06
C PHE A 74 -9.98 -19.08 -2.54
N ILE A 75 -8.91 -18.36 -2.30
CA ILE A 75 -8.62 -17.16 -3.07
C ILE A 75 -7.38 -17.41 -3.90
N SER A 76 -7.34 -16.89 -5.10
CA SER A 76 -6.25 -17.22 -5.99
C SER A 76 -6.16 -16.16 -7.06
N GLN A 77 -4.98 -16.04 -7.65
CA GLN A 77 -4.71 -15.07 -8.71
C GLN A 77 -3.81 -15.80 -9.68
N GLY A 78 -4.24 -15.87 -10.94
CA GLY A 78 -3.53 -16.71 -11.89
C GLY A 78 -3.44 -18.10 -11.32
N GLN A 79 -2.23 -18.67 -11.34
CA GLN A 79 -2.01 -20.02 -10.85
C GLN A 79 -1.51 -20.04 -9.41
N THR A 80 -1.67 -18.94 -8.69
CA THR A 80 -1.11 -18.80 -7.35
C THR A 80 -2.18 -18.90 -6.27
N LEU A 81 -2.10 -19.92 -5.43
CA LEU A 81 -2.99 -19.99 -4.28
C LEU A 81 -2.62 -18.93 -3.25
N LEU A 82 -3.61 -18.16 -2.80
CA LEU A 82 -3.44 -17.13 -1.77
C LEU A 82 -4.05 -17.47 -0.43
N GLU A 83 -5.21 -18.10 -0.40
CA GLU A 83 -5.75 -18.66 0.84
C GLU A 83 -6.39 -19.99 0.50
N GLY A 84 -6.47 -20.86 1.49
CA GLY A 84 -7.03 -22.17 1.26
C GLY A 84 -7.28 -22.87 2.57
N PHE A 85 -8.53 -23.15 2.87
CA PHE A 85 -8.95 -23.79 4.10
C PHE A 85 -10.39 -24.24 3.95
N SER A 86 -10.89 -24.94 4.97
CA SER A 86 -12.20 -25.56 4.93
C SER A 86 -13.18 -24.80 5.80
N LEU A 87 -14.34 -24.48 5.24
CA LEU A 87 -15.34 -23.74 6.01
C LEU A 87 -16.03 -24.59 7.07
N ILE A 88 -15.99 -25.92 6.98
CA ILE A 88 -16.83 -26.75 7.85
C ILE A 88 -16.24 -26.88 9.25
N GLY A 89 -16.99 -26.41 10.25
CA GLY A 89 -16.50 -26.44 11.61
C GLY A 89 -15.47 -25.37 11.85
N SER A 90 -15.59 -24.25 11.15
CA SER A 90 -14.65 -23.15 11.29
C SER A 90 -15.18 -22.06 12.22
N LYS A 91 -16.04 -22.43 13.18
CA LYS A 91 -16.67 -21.42 14.05
C LYS A 91 -15.70 -20.97 15.13
N ASN A 92 -14.97 -21.92 15.72
CA ASN A 92 -14.00 -21.58 16.76
C ASN A 92 -12.87 -20.68 16.24
N TRP A 93 -12.42 -20.90 15.00
CA TRP A 93 -11.20 -20.26 14.51
C TRP A 93 -11.40 -19.21 13.43
N LEU A 94 -12.55 -19.16 12.78
CA LEU A 94 -12.75 -18.28 11.64
C LEU A 94 -13.91 -17.33 11.91
N LYS A 95 -13.69 -16.03 11.74
CA LYS A 95 -14.74 -15.05 11.89
C LYS A 95 -14.75 -14.11 10.68
N ILE A 96 -15.94 -13.88 10.11
CA ILE A 96 -16.10 -13.15 8.87
C ILE A 96 -16.99 -11.95 9.13
N VAL A 97 -16.73 -10.84 8.46
CA VAL A 97 -17.50 -9.63 8.68
C VAL A 97 -17.63 -8.90 7.36
N ARG A 98 -18.84 -8.48 7.04
CA ARG A 98 -19.10 -7.73 5.81
C ARG A 98 -19.31 -6.26 6.14
N ARG A 99 -18.99 -5.41 5.17
CA ARG A 99 -19.28 -3.98 5.26
C ARG A 99 -19.27 -3.47 3.82
N ASP A 101 -19.26 -3.77 -0.05
CA ASP A 101 -18.80 -4.77 -1.01
C ASP A 101 -17.53 -5.47 -0.57
N CYS A 102 -17.07 -5.25 0.66
CA CYS A 102 -15.90 -5.93 1.23
C CYS A 102 -16.32 -6.97 2.28
N LEU A 103 -15.46 -7.98 2.45
CA LEU A 103 -15.51 -8.91 3.58
C LEU A 103 -14.19 -8.83 4.33
N LEU A 104 -14.25 -9.12 5.61
CA LEU A 104 -13.06 -9.20 6.44
C LEU A 104 -13.02 -10.59 7.04
N PHE A 105 -11.83 -11.20 7.08
CA PHE A 105 -11.67 -12.55 7.59
C PHE A 105 -10.69 -12.50 8.75
N GLY A 106 -11.06 -13.16 9.84
CA GLY A 106 -10.19 -13.23 10.99
C GLY A 106 -10.01 -14.67 11.39
N THR A 107 -8.77 -15.13 11.37
CA THR A 107 -8.45 -16.49 11.78
C THR A 107 -7.70 -16.43 13.08
N THR A 108 -7.68 -17.57 13.76
CA THR A 108 -7.07 -17.68 15.07
C THR A 108 -6.68 -19.14 15.31
N ILE A 109 -5.85 -19.68 14.41
CA ILE A 109 -5.43 -21.07 14.45
C ILE A 109 -4.21 -21.19 15.36
N LYS A 110 -4.13 -22.30 16.11
CA LYS A 110 -3.20 -22.45 17.25
C LYS A 110 -3.39 -21.20 18.12
N ASN A 111 -2.33 -20.52 18.51
CA ASN A 111 -2.54 -19.22 19.14
C ASN A 111 -2.31 -18.06 18.18
N LYS A 112 -1.47 -18.25 17.16
CA LYS A 112 -1.26 -17.25 16.12
C LYS A 112 -2.58 -16.87 15.41
N SER A 113 -2.63 -15.64 14.90
CA SER A 113 -3.83 -15.06 14.31
C SER A 113 -3.45 -14.17 13.15
N ARG A 114 -4.34 -14.07 12.17
CA ARG A 114 -4.11 -13.15 11.06
C ARG A 114 -5.44 -12.66 10.51
N PHE A 116 -7.24 -11.17 6.73
CA PHE A 116 -7.22 -10.69 5.36
C PHE A 116 -8.59 -10.17 5.00
N ARG A 117 -8.63 -9.39 3.92
CA ARG A 117 -9.87 -8.80 3.43
C ARG A 117 -9.90 -8.84 1.92
N VAL A 118 -11.13 -8.80 1.37
CA VAL A 118 -11.36 -8.80 -0.06
C VAL A 118 -12.41 -7.76 -0.39
N GLN A 119 -12.27 -7.16 -1.58
CA GLN A 119 -13.28 -6.26 -2.15
C GLN A 119 -13.73 -6.82 -3.47
N PHE A 120 -15.04 -7.08 -3.60
CA PHE A 120 -15.60 -7.67 -4.82
C PHE A 120 -15.68 -6.65 -5.95
N SER A 121 -15.89 -7.17 -7.15
CA SER A 121 -15.80 -6.38 -8.36
C SER A 121 -17.08 -6.47 -9.17
N GLY A 122 -17.39 -5.38 -9.86
CA GLY A 122 -18.45 -5.39 -10.84
C GLY A 122 -18.51 -4.10 -11.63
N GLU A 123 -19.57 -3.98 -12.44
CA GLU A 123 -19.75 -2.80 -13.30
C GLU A 123 -20.04 -1.54 -12.50
N SER A 124 -20.83 -1.66 -11.43
CA SER A 124 -21.24 -0.53 -10.60
C SER A 124 -21.11 -0.89 -9.12
N LYS A 125 -21.07 0.13 -8.25
CA LYS A 125 -21.01 -0.13 -6.81
C LYS A 125 -22.15 -1.04 -6.37
N GLU A 126 -23.24 -1.09 -7.13
CA GLU A 126 -24.38 -1.95 -6.80
C GLU A 126 -24.16 -3.36 -7.32
N GLU A 127 -23.67 -3.46 -8.56
CA GLU A 127 -23.24 -4.74 -9.12
C GLU A 127 -22.26 -5.46 -8.19
N ALA A 128 -21.19 -4.76 -7.78
CA ALA A 128 -20.22 -5.37 -6.87
C ALA A 128 -20.90 -5.78 -5.57
N LEU A 129 -21.66 -4.87 -4.98
CA LEU A 129 -22.43 -5.17 -3.79
C LEU A 129 -23.33 -6.38 -4.02
N GLU A 130 -24.04 -6.42 -5.15
CA GLU A 130 -24.85 -7.58 -5.43
C GLU A 130 -24.01 -8.84 -5.32
N ARG A 131 -22.87 -8.87 -6.01
CA ARG A 131 -22.04 -10.07 -6.07
C ARG A 131 -21.42 -10.39 -4.71
N CYS A 132 -20.99 -9.37 -3.96
CA CYS A 132 -20.55 -9.63 -2.59
C CYS A 132 -21.61 -10.40 -1.82
N CYS A 133 -22.80 -9.82 -1.73
CA CYS A 133 -23.88 -10.42 -0.97
C CYS A 133 -24.16 -11.84 -1.46
N GLY A 134 -24.10 -12.06 -2.77
CA GLY A 134 -24.22 -13.41 -3.27
C GLY A 134 -23.25 -14.34 -2.59
N CYS A 135 -21.99 -13.90 -2.53
CA CYS A 135 -20.94 -14.69 -1.89
C CYS A 135 -21.30 -15.04 -0.46
N VAL A 136 -21.62 -14.04 0.36
CA VAL A 136 -21.92 -14.30 1.77
C VAL A 136 -23.05 -15.30 1.90
N GLN A 137 -24.07 -15.23 1.03
CA GLN A 137 -25.10 -16.25 1.08
C GLN A 137 -24.52 -17.65 0.87
N THR A 138 -23.64 -17.81 -0.11
CA THR A 138 -22.98 -19.11 -0.27
C THR A 138 -22.11 -19.41 0.94
N LEU A 139 -21.46 -18.39 1.49
CA LEU A 139 -20.68 -18.56 2.72
C LEU A 139 -21.57 -18.92 3.89
N ALA A 140 -22.70 -18.21 4.01
CA ALA A 140 -23.64 -18.39 5.11
C ALA A 140 -24.18 -19.80 5.16
N GLN A 141 -24.06 -20.55 4.05
CA GLN A 141 -24.40 -21.96 4.12
C GLN A 141 -23.59 -22.65 5.22
N TYR A 142 -22.29 -22.32 5.33
CA TYR A 142 -21.37 -23.14 6.12
C TYR A 142 -20.91 -22.49 7.41
N VAL A 143 -20.83 -21.16 7.48
CA VAL A 143 -20.37 -20.50 8.67
C VAL A 143 -21.18 -19.22 8.82
N THR A 144 -21.22 -18.68 10.04
CA THR A 144 -21.89 -17.42 10.29
C THR A 144 -20.99 -16.26 9.85
N VAL A 145 -21.60 -15.22 9.30
CA VAL A 145 -20.88 -14.01 8.88
C VAL A 145 -21.65 -12.80 9.40
N GLN A 146 -20.95 -11.84 10.03
CA GLN A 146 -21.61 -10.72 10.67
C GLN A 146 -21.86 -9.57 9.69
N GLU A 147 -22.73 -8.62 10.12
CA GLU A 147 -23.06 -7.42 9.33
C GLU A 147 -23.05 -6.11 10.12
N VAL B 17 2.12 0.17 -13.79
CA VAL B 17 3.13 0.33 -12.74
C VAL B 17 4.47 0.82 -13.29
N SER B 18 4.81 2.05 -12.95
CA SER B 18 6.06 2.66 -13.39
C SER B 18 6.86 3.05 -12.15
N GLN B 19 8.13 2.66 -12.15
CA GLN B 19 9.09 3.00 -11.12
C GLN B 19 10.29 3.65 -11.78
N TRP B 20 10.93 4.57 -11.06
CA TRP B 20 12.17 5.21 -11.46
C TRP B 20 13.23 5.03 -10.38
N SER B 21 14.49 4.93 -10.82
CA SER B 21 15.58 4.71 -9.87
C SER B 21 16.18 6.05 -9.44
N LEU B 22 16.63 6.10 -8.20
CA LEU B 22 17.06 7.33 -7.57
C LEU B 22 18.51 7.22 -7.12
N LYS B 23 19.25 8.34 -7.26
CA LYS B 23 20.61 8.43 -6.74
C LYS B 23 20.62 8.73 -5.26
N ARG B 24 19.87 9.75 -4.86
CA ARG B 24 19.76 10.17 -3.47
C ARG B 24 18.33 10.60 -3.18
N TYR B 25 18.01 10.67 -1.88
CA TYR B 25 16.73 11.15 -1.38
C TYR B 25 17.03 11.77 -0.02
N GLY B 26 16.37 12.89 0.27
CA GLY B 26 16.70 13.65 1.47
C GLY B 26 15.48 14.17 2.19
N ARG B 27 15.54 14.14 3.52
CA ARG B 27 14.51 14.69 4.38
C ARG B 27 15.00 16.00 4.97
N PHE B 28 14.15 17.02 4.99
CA PHE B 28 14.50 18.30 5.60
C PHE B 28 14.43 18.23 7.11
N LEU B 30 15.37 20.15 11.02
CA LEU B 30 15.56 21.40 11.75
C LEU B 30 16.29 21.10 13.05
N LEU B 31 17.60 21.28 13.03
CA LEU B 31 18.42 20.87 14.15
C LEU B 31 18.22 21.83 15.32
N ASP B 32 18.02 21.29 16.52
CA ASP B 32 18.04 22.14 17.71
C ASP B 32 19.43 22.75 17.92
N ASN B 33 19.45 23.98 18.41
CA ASN B 33 20.71 24.61 18.78
C ASN B 33 20.90 24.54 20.27
N VAL B 34 22.12 24.26 20.70
CA VAL B 34 22.34 23.98 22.11
C VAL B 34 23.55 24.71 22.64
N GLY B 47 16.51 27.30 14.78
CA GLY B 47 17.54 26.28 14.65
C GLY B 47 18.23 26.27 13.29
N SER B 48 19.19 25.36 13.14
CA SER B 48 19.87 25.28 11.86
C SER B 48 19.22 24.20 10.99
N SER B 49 19.29 24.43 9.70
CA SER B 49 18.59 23.64 8.72
C SER B 49 19.59 22.69 8.08
N THR B 50 19.23 21.40 8.01
CA THR B 50 20.03 20.41 7.28
C THR B 50 19.12 19.41 6.60
N TRP B 51 19.73 18.60 5.74
CA TRP B 51 19.08 17.45 5.12
C TRP B 51 19.70 16.16 5.65
N LYS B 52 18.85 15.27 6.20
CA LYS B 52 19.16 13.85 6.38
C LYS B 52 19.16 13.18 5.02
N VAL B 53 20.33 12.72 4.56
CA VAL B 53 20.47 12.20 3.19
C VAL B 53 20.55 10.67 3.18
N PHE B 54 19.97 10.06 2.15
CA PHE B 54 20.02 8.63 1.88
C PHE B 54 20.55 8.41 0.47
N GLU B 55 21.42 7.40 0.34
CA GLU B 55 22.08 7.13 -0.94
C GLU B 55 21.98 5.65 -1.26
N SER B 56 21.66 5.36 -2.52
CA SER B 56 21.51 3.99 -2.98
C SER B 56 22.89 3.39 -3.23
N SER B 57 23.12 2.18 -2.71
CA SER B 57 24.42 1.54 -2.64
C SER B 57 24.22 0.08 -2.29
N GLU B 58 25.21 -0.74 -2.65
CA GLU B 58 25.08 -2.19 -2.49
C GLU B 58 24.89 -2.59 -1.02
N GLU B 59 25.59 -1.95 -0.09
CA GLU B 59 25.41 -2.26 1.33
C GLU B 59 24.16 -1.62 1.93
N SER B 60 23.37 -0.91 1.14
CA SER B 60 22.25 -0.15 1.69
C SER B 60 20.93 -0.35 0.94
N GLY B 61 20.97 -0.86 -0.29
CA GLY B 61 19.76 -0.98 -1.08
C GLY B 61 19.61 0.18 -2.05
N SER B 62 18.75 -0.02 -3.05
CA SER B 62 18.54 0.97 -4.10
C SER B 62 17.32 1.83 -3.81
N LEU B 63 17.51 3.14 -3.85
CA LEU B 63 16.39 4.06 -3.71
C LEU B 63 15.50 3.95 -4.94
N VAL B 64 14.22 3.63 -4.73
CA VAL B 64 13.29 3.47 -5.83
C VAL B 64 11.98 4.15 -5.47
N LEU B 65 11.55 5.10 -6.30
CA LEU B 65 10.23 5.70 -6.22
C LEU B 65 9.29 5.02 -7.20
N THR B 66 8.10 4.65 -6.73
CA THR B 66 7.11 3.97 -7.58
C THR B 66 5.75 4.65 -7.45
N ILE B 67 4.98 4.61 -8.54
CA ILE B 67 3.66 5.22 -8.61
C ILE B 67 2.66 4.18 -9.13
N VAL B 68 1.75 3.74 -8.25
CA VAL B 68 0.77 2.72 -8.60
C VAL B 68 -0.32 3.36 -9.45
N VAL B 69 -0.94 2.56 -10.31
CA VAL B 69 -2.03 3.07 -11.14
C VAL B 69 -3.15 3.62 -10.28
N SER B 70 -3.42 2.98 -9.13
CA SER B 70 -4.42 3.48 -8.19
C SER B 70 -4.24 4.97 -7.93
N GLY B 71 -3.01 5.37 -7.65
CA GLY B 71 -2.72 6.75 -7.37
C GLY B 71 -1.83 6.86 -6.15
N HIS B 72 -1.21 5.75 -5.77
CA HIS B 72 -0.35 5.75 -4.60
C HIS B 72 1.10 5.94 -4.97
N PHE B 73 1.83 6.57 -4.04
CA PHE B 73 3.19 7.06 -4.21
C PHE B 73 4.04 6.47 -3.10
N PHE B 74 5.21 5.92 -3.45
CA PHE B 74 6.15 5.41 -2.45
C PHE B 74 7.58 5.74 -2.83
N ILE B 75 8.41 5.79 -1.79
CA ILE B 75 9.85 5.83 -1.91
C ILE B 75 10.37 4.78 -0.95
N SER B 76 11.24 3.90 -1.44
CA SER B 76 11.72 2.78 -0.65
C SER B 76 13.19 2.56 -0.94
N GLN B 77 13.92 2.09 0.08
CA GLN B 77 15.30 1.62 -0.06
C GLN B 77 15.30 0.17 0.43
N GLY B 78 15.31 -0.75 -0.52
CA GLY B 78 15.27 -2.14 -0.15
C GLY B 78 13.95 -2.44 0.51
N GLN B 79 14.01 -2.87 1.76
CA GLN B 79 12.82 -3.35 2.45
C GLN B 79 12.29 -2.35 3.44
N THR B 80 12.75 -1.11 3.37
CA THR B 80 12.25 -0.08 4.25
C THR B 80 11.51 0.97 3.43
N LEU B 81 10.34 1.39 3.95
CA LEU B 81 9.54 2.42 3.34
C LEU B 81 9.99 3.78 3.87
N LEU B 82 10.33 4.68 2.96
CA LEU B 82 10.74 6.04 3.27
C LEU B 82 9.61 7.05 3.16
N GLU B 83 8.84 7.03 2.07
CA GLU B 83 7.68 7.88 1.88
C GLU B 83 6.47 7.06 1.47
N GLY B 84 5.30 7.42 1.99
CA GLY B 84 4.10 6.71 1.54
C GLY B 84 2.77 7.41 1.73
N PHE B 85 2.19 7.91 0.63
CA PHE B 85 0.92 8.61 0.72
C PHE B 85 0.16 8.42 -0.58
N SER B 86 -1.04 8.99 -0.63
CA SER B 86 -1.92 8.82 -1.80
C SER B 86 -1.99 10.13 -2.57
N LEU B 87 -1.67 10.08 -3.86
CA LEU B 87 -1.69 11.29 -4.69
C LEU B 87 -3.09 11.84 -4.95
N ILE B 88 -4.14 11.03 -4.82
CA ILE B 88 -5.47 11.52 -5.16
C ILE B 88 -5.89 12.59 -4.16
N GLY B 89 -6.64 13.56 -4.64
CA GLY B 89 -7.11 14.64 -3.78
C GLY B 89 -6.01 15.32 -2.99
N SER B 90 -4.88 15.57 -3.65
CA SER B 90 -3.70 16.09 -2.98
C SER B 90 -3.29 17.44 -3.54
N LYS B 91 -4.11 18.05 -4.39
CA LYS B 91 -3.87 19.43 -4.76
C LYS B 91 -3.84 20.31 -3.51
N ASN B 92 -4.65 19.95 -2.51
CA ASN B 92 -4.87 20.80 -1.35
C ASN B 92 -3.74 20.75 -0.33
N TRP B 93 -3.03 19.64 -0.19
CA TRP B 93 -2.08 19.48 0.88
C TRP B 93 -0.66 19.22 0.43
N LEU B 94 -0.47 18.86 -0.84
CA LEU B 94 0.82 18.42 -1.34
C LEU B 94 1.20 19.29 -2.51
N LYS B 95 2.32 19.99 -2.40
CA LYS B 95 2.86 20.70 -3.55
C LYS B 95 4.25 20.16 -3.86
N ILE B 96 4.53 19.98 -5.14
CA ILE B 96 5.85 19.55 -5.57
C ILE B 96 6.33 20.46 -6.70
N VAL B 97 7.65 20.71 -6.74
CA VAL B 97 8.26 21.63 -7.69
C VAL B 97 9.51 20.99 -8.28
N ARG B 98 9.65 21.05 -9.59
CA ARG B 98 10.75 20.43 -10.29
C ARG B 98 11.89 21.44 -10.50
N ARG B 99 13.11 20.93 -10.47
CA ARG B 99 14.28 21.70 -10.93
C ARG B 99 15.26 20.71 -11.55
N ASP B 101 16.77 17.71 -12.83
CA ASP B 101 16.54 16.29 -12.55
C ASP B 101 16.29 16.05 -11.07
N CYS B 102 15.62 17.00 -10.42
CA CYS B 102 15.30 16.87 -9.01
C CYS B 102 13.87 17.34 -8.76
N LEU B 103 13.16 16.58 -7.94
CA LEU B 103 11.85 16.97 -7.45
C LEU B 103 11.94 17.35 -5.98
N LEU B 104 11.36 18.47 -5.62
CA LEU B 104 11.22 18.84 -4.22
C LEU B 104 9.74 18.71 -3.84
N PHE B 105 9.49 18.06 -2.71
CA PHE B 105 8.12 17.81 -2.26
C PHE B 105 7.89 18.55 -0.96
N GLY B 106 6.75 19.22 -0.85
CA GLY B 106 6.39 19.88 0.39
C GLY B 106 4.99 19.49 0.74
N THR B 107 4.77 19.00 1.95
CA THR B 107 3.48 18.44 2.30
C THR B 107 3.00 19.13 3.57
N THR B 108 1.78 19.64 3.55
CA THR B 108 1.17 20.16 4.75
C THR B 108 0.10 19.17 5.19
N ILE B 109 0.04 18.86 6.48
CA ILE B 109 -0.83 17.79 7.00
C ILE B 109 -1.13 18.13 8.44
N LYS B 110 -2.43 18.15 8.80
CA LYS B 110 -2.89 18.54 10.14
C LYS B 110 -2.05 19.69 10.70
N ASN B 111 -1.87 20.71 9.85
CA ASN B 111 -1.22 21.97 10.22
C ASN B 111 0.22 21.78 10.67
N LYS B 112 0.95 20.94 9.94
CA LYS B 112 2.38 20.70 10.15
C LYS B 112 3.00 20.34 8.81
N SER B 113 3.85 21.19 8.27
CA SER B 113 4.38 20.86 6.94
C SER B 113 5.79 20.28 7.03
N ARG B 114 6.31 19.86 5.87
CA ARG B 114 7.63 19.22 5.82
C ARG B 114 8.05 19.05 4.37
N PHE B 116 10.86 16.91 1.41
CA PHE B 116 11.85 15.91 1.03
C PHE B 116 12.09 16.07 -0.45
N ARG B 117 13.31 15.76 -0.88
CA ARG B 117 13.66 15.87 -2.30
C ARG B 117 14.27 14.58 -2.80
N VAL B 118 14.56 14.56 -4.08
CA VAL B 118 14.97 13.35 -4.75
C VAL B 118 15.73 13.71 -6.02
N GLN B 119 16.75 12.91 -6.36
CA GLN B 119 17.51 13.09 -7.59
C GLN B 119 17.49 11.79 -8.36
N PHE B 120 16.99 11.83 -9.59
CA PHE B 120 16.71 10.61 -10.35
C PHE B 120 17.99 10.00 -10.87
N SER B 121 18.10 8.69 -10.74
CA SER B 121 19.26 8.01 -11.28
C SER B 121 19.22 7.97 -12.79
N GLY B 122 20.40 7.84 -13.38
CA GLY B 122 20.52 7.85 -14.82
C GLY B 122 21.99 7.76 -15.19
N GLU B 123 22.22 7.23 -16.39
CA GLU B 123 23.58 6.99 -16.86
C GLU B 123 24.34 8.30 -17.02
N SER B 124 23.73 9.31 -17.62
CA SER B 124 24.36 10.62 -17.74
C SER B 124 23.42 11.67 -17.16
N LYS B 125 23.72 12.94 -17.40
CA LYS B 125 22.74 13.98 -17.14
C LYS B 125 21.59 13.88 -18.12
N GLU B 126 21.87 13.45 -19.35
CA GLU B 126 20.82 13.34 -20.35
C GLU B 126 19.91 12.14 -20.10
N GLU B 127 20.49 11.03 -19.62
CA GLU B 127 19.68 9.87 -19.25
C GLU B 127 18.76 10.19 -18.07
N ALA B 128 19.35 10.68 -16.97
CA ALA B 128 18.59 10.90 -15.73
C ALA B 128 17.52 11.97 -15.91
N LEU B 129 17.85 13.04 -16.63
CA LEU B 129 16.86 14.11 -16.83
C LEU B 129 15.58 13.56 -17.43
N GLU B 130 15.71 12.62 -18.38
CA GLU B 130 14.55 11.97 -18.96
C GLU B 130 13.67 11.38 -17.88
N ARG B 131 14.19 10.40 -17.13
CA ARG B 131 13.37 9.71 -16.15
C ARG B 131 12.71 10.68 -15.16
N CYS B 132 13.40 11.76 -14.74
CA CYS B 132 12.71 12.76 -13.94
C CYS B 132 11.53 13.34 -14.70
N CYS B 133 11.76 13.67 -15.97
CA CYS B 133 10.69 14.26 -16.77
C CYS B 133 9.58 13.26 -17.01
N GLY B 134 9.94 11.98 -17.19
CA GLY B 134 8.91 10.96 -17.27
C GLY B 134 8.05 10.96 -16.02
N CYS B 135 8.69 11.04 -14.86
CA CYS B 135 7.94 10.97 -13.61
C CYS B 135 7.01 12.17 -13.46
N VAL B 136 7.50 13.39 -13.67
CA VAL B 136 6.61 14.54 -13.50
C VAL B 136 5.44 14.45 -14.45
N GLN B 137 5.63 13.80 -15.61
CA GLN B 137 4.50 13.46 -16.45
C GLN B 137 3.53 12.56 -15.70
N THR B 138 4.00 11.37 -15.28
CA THR B 138 3.13 10.43 -14.58
C THR B 138 2.46 11.07 -13.37
N LEU B 139 3.10 12.04 -12.74
CA LEU B 139 2.47 12.70 -11.61
C LEU B 139 1.29 13.56 -12.03
N ALA B 140 1.30 14.06 -13.27
CA ALA B 140 0.40 15.14 -13.64
C ALA B 140 -1.07 14.75 -13.51
N GLN B 141 -1.41 13.45 -13.71
CA GLN B 141 -2.80 13.00 -13.63
C GLN B 141 -3.46 13.29 -12.28
N TYR B 142 -2.69 13.74 -11.28
CA TYR B 142 -3.22 13.95 -9.94
C TYR B 142 -2.83 15.29 -9.34
N VAL B 143 -1.65 15.81 -9.68
CA VAL B 143 -1.24 17.09 -9.15
C VAL B 143 -0.46 17.84 -10.23
N THR B 144 -0.60 19.16 -10.20
CA THR B 144 0.22 20.05 -11.01
C THR B 144 1.62 20.09 -10.42
N VAL B 145 2.61 20.19 -11.29
CA VAL B 145 4.00 20.16 -10.88
C VAL B 145 4.64 21.44 -11.38
N GLN B 146 4.90 22.38 -10.48
CA GLN B 146 5.63 23.60 -10.83
C GLN B 146 6.89 23.22 -11.61
N GLU B 147 7.16 23.99 -12.68
CA GLU B 147 8.22 23.65 -13.62
C GLU B 147 8.66 24.98 -14.26
N PRO B 148 9.78 25.55 -13.81
CA PRO B 148 10.25 26.95 -13.78
C PRO B 148 9.43 27.96 -14.62
N GLU C 4 -2.65 6.74 10.09
CA GLU C 4 -1.30 6.87 10.62
C GLU C 4 -0.27 6.92 9.48
N SER C 5 0.59 5.90 9.40
CA SER C 5 1.43 5.65 8.23
C SER C 5 0.66 4.82 7.19
N GLN C 7 -1.46 2.78 5.00
CA GLN C 7 -2.24 1.58 5.30
C GLN C 7 -2.37 0.64 4.08
N THR C 8 -1.76 0.95 2.93
CA THR C 8 -1.79 0.06 1.77
C THR C 8 -0.44 0.06 1.10
N ILE C 9 0.14 -1.12 0.91
CA ILE C 9 1.39 -1.28 0.17
C ILE C 9 1.25 -2.41 -0.82
N PRO C 10 1.51 -2.20 -2.11
CA PRO C 10 1.46 -3.32 -3.07
C PRO C 10 2.41 -4.42 -2.64
N HIS C 11 2.11 -5.64 -3.08
CA HIS C 11 2.90 -6.77 -2.59
C HIS C 11 4.27 -6.82 -3.24
N TYR C 12 4.40 -6.33 -4.48
CA TYR C 12 5.68 -6.38 -5.16
C TYR C 12 6.70 -5.39 -4.62
N LEU C 13 6.37 -4.54 -3.67
CA LEU C 13 7.44 -3.69 -3.17
C LEU C 13 8.28 -4.41 -2.14
N GLN C 14 7.69 -5.35 -1.41
CA GLN C 14 8.40 -6.13 -0.39
C GLN C 14 8.93 -5.20 0.69
N ILE C 15 8.02 -4.74 1.54
CA ILE C 15 8.34 -3.78 2.58
C ILE C 15 8.21 -4.49 3.91
N LYS C 16 9.24 -4.40 4.72
CA LYS C 16 9.22 -4.96 6.05
C LYS C 16 9.32 -3.92 7.13
N GLU C 17 10.00 -2.81 6.87
CA GLU C 17 10.26 -1.78 7.86
C GLU C 17 9.76 -0.46 7.32
N ILE C 18 9.42 0.45 8.24
CA ILE C 18 8.98 1.79 7.89
C ILE C 18 9.80 2.78 8.72
N LEU C 19 10.45 3.73 8.04
CA LEU C 19 11.23 4.75 8.72
C LEU C 19 10.28 5.87 9.13
N GLN C 20 9.89 5.86 10.40
CA GLN C 20 8.98 6.83 10.96
C GLN C 20 9.50 8.25 10.75
N ILE C 21 8.62 9.21 11.03
CA ILE C 21 8.83 10.63 10.78
C ILE C 21 9.43 11.26 12.05
N SER C 22 10.60 11.88 11.92
CA SER C 22 11.23 12.50 13.08
C SER C 22 10.52 13.81 13.46
N LYS C 23 10.16 13.93 14.75
CA LYS C 23 9.44 15.12 15.23
C LYS C 23 10.14 16.40 14.82
N GLN C 24 11.45 16.32 14.56
CA GLN C 24 12.27 17.40 14.03
C GLN C 24 12.09 17.64 12.54
N GLU C 25 11.34 16.80 11.82
CA GLU C 25 11.10 17.05 10.41
C GLU C 25 9.81 17.79 10.17
N LEU C 26 8.93 17.81 11.17
CA LEU C 26 7.68 18.55 11.16
C LEU C 26 7.87 19.97 11.69
N LEU C 27 7.82 20.95 10.80
CA LEU C 27 7.93 22.37 11.11
C LEU C 27 6.60 23.09 10.94
N PRO C 28 6.38 24.20 11.67
CA PRO C 28 5.16 24.98 11.45
C PRO C 28 5.08 25.44 9.99
N CYS C 29 3.85 25.70 9.55
CA CYS C 29 3.56 25.73 8.12
C CYS C 29 4.21 26.91 7.40
N HIS C 30 4.65 27.94 8.14
CA HIS C 30 5.24 29.16 7.59
C HIS C 30 6.77 29.12 7.58
N VAL C 31 7.40 28.61 8.64
CA VAL C 31 8.85 28.42 8.58
C VAL C 31 9.21 27.51 7.42
N GLU C 33 7.44 27.50 4.64
CA GLU C 33 7.15 28.26 3.42
C GLU C 33 8.23 29.30 3.15
N GLN C 34 8.84 29.83 4.20
CA GLN C 34 10.09 30.54 3.97
C GLN C 34 11.09 29.61 3.28
N HIS C 35 11.41 28.48 3.94
CA HIS C 35 12.40 27.56 3.40
C HIS C 35 12.00 27.04 2.03
N TRP C 36 10.70 26.87 1.79
CA TRP C 36 10.21 26.47 0.46
C TRP C 36 10.58 27.49 -0.60
N LYS C 37 10.28 28.77 -0.33
CA LYS C 37 10.43 29.82 -1.33
C LYS C 37 11.88 29.94 -1.79
N PHE C 38 12.83 29.78 -0.86
CA PHE C 38 14.25 29.71 -1.19
C PHE C 38 14.51 28.75 -2.38
N TYR C 39 14.15 27.48 -2.23
CA TYR C 39 14.42 26.57 -3.33
C TYR C 39 13.59 26.90 -4.55
N VAL C 40 12.49 27.63 -4.40
CA VAL C 40 11.65 27.96 -5.56
C VAL C 40 12.42 28.87 -6.52
N GLY C 41 12.90 30.01 -6.02
CA GLY C 41 13.25 31.13 -6.87
C GLY C 41 14.40 30.82 -7.82
N ARG C 42 14.54 31.68 -8.85
CA ARG C 42 15.61 31.49 -9.81
C ARG C 42 16.98 31.77 -9.20
N SER C 43 17.05 32.66 -8.19
CA SER C 43 18.33 32.94 -7.55
C SER C 43 18.99 31.67 -7.05
N HIS C 44 18.18 30.70 -6.60
CA HIS C 44 18.71 29.48 -6.04
C HIS C 44 18.43 28.27 -6.92
N SER C 45 18.14 28.49 -8.21
CA SER C 45 18.26 27.40 -9.17
C SER C 45 19.69 26.87 -9.14
N GLU C 46 19.82 25.56 -9.08
CA GLU C 46 21.03 24.77 -8.83
C GLU C 46 21.32 24.59 -7.33
N ALA C 47 20.69 25.38 -6.43
CA ALA C 47 20.79 25.18 -4.98
C ALA C 47 19.99 23.98 -4.50
N LEU C 48 19.12 23.43 -5.35
CA LEU C 48 18.41 22.20 -5.07
C LEU C 48 19.20 20.97 -5.46
N LEU C 49 20.20 21.11 -6.34
CA LEU C 49 21.08 20.01 -6.69
C LEU C 49 22.33 19.98 -5.83
N SER C 50 22.27 20.62 -4.66
CA SER C 50 23.43 20.72 -3.78
C SER C 50 23.92 19.33 -3.34
N TRP C 51 23.19 18.68 -2.43
CA TRP C 51 23.62 17.38 -1.86
C TRP C 51 24.98 17.47 -1.17
N GLN D 7 -4.08 -28.28 1.31
CA GLN D 7 -3.60 -29.65 1.17
C GLN D 7 -4.31 -30.40 0.04
N THR D 8 -5.60 -30.17 -0.19
CA THR D 8 -6.30 -30.81 -1.31
C THR D 8 -6.95 -29.74 -2.18
N ILE D 9 -6.35 -29.50 -3.34
CA ILE D 9 -6.82 -28.49 -4.30
C ILE D 9 -7.39 -29.18 -5.52
N PRO D 10 -8.64 -28.90 -5.89
CA PRO D 10 -9.20 -29.45 -7.14
C PRO D 10 -8.34 -29.09 -8.35
N HIS D 11 -8.40 -29.96 -9.34
CA HIS D 11 -7.50 -29.81 -10.48
C HIS D 11 -7.91 -28.63 -11.36
N TYR D 12 -9.23 -28.42 -11.55
CA TYR D 12 -9.73 -27.30 -12.38
C TYR D 12 -9.33 -25.94 -11.85
N LEU D 13 -8.84 -25.83 -10.60
CA LEU D 13 -8.35 -24.54 -10.18
C LEU D 13 -7.04 -24.19 -10.86
N GLN D 14 -6.24 -25.19 -11.24
CA GLN D 14 -4.97 -24.98 -11.96
C GLN D 14 -3.96 -24.28 -11.04
N ILE D 15 -3.80 -24.81 -9.84
CA ILE D 15 -2.92 -24.22 -8.85
C ILE D 15 -1.51 -24.80 -9.01
N LYS D 16 -0.52 -23.91 -9.16
CA LYS D 16 0.88 -24.30 -9.33
C LYS D 16 1.78 -23.79 -8.20
N GLU D 17 1.60 -22.56 -7.74
CA GLU D 17 2.40 -22.06 -6.63
C GLU D 17 1.52 -21.48 -5.54
N ILE D 18 2.07 -21.39 -4.34
CA ILE D 18 1.35 -20.91 -3.18
C ILE D 18 2.13 -19.75 -2.59
N LEU D 19 1.44 -18.78 -2.05
CA LEU D 19 2.09 -17.65 -1.41
C LEU D 19 1.96 -17.86 0.09
N GLN D 20 3.07 -18.20 0.74
CA GLN D 20 3.05 -18.57 2.13
C GLN D 20 2.99 -17.32 3.00
N ILE D 21 2.69 -17.53 4.27
CA ILE D 21 2.45 -16.45 5.21
C ILE D 21 3.78 -15.93 5.75
N SER D 22 4.02 -14.62 5.59
CA SER D 22 5.18 -13.96 6.17
C SER D 22 5.14 -14.05 7.70
N LYS D 23 6.32 -14.00 8.34
CA LYS D 23 6.33 -13.94 9.81
C LYS D 23 5.55 -12.73 10.30
N GLN D 24 5.60 -11.62 9.55
CA GLN D 24 4.97 -10.37 9.99
C GLN D 24 3.46 -10.39 9.88
N GLU D 25 2.85 -11.34 9.15
CA GLU D 25 1.40 -11.41 9.10
C GLU D 25 0.82 -12.14 10.30
N LEU D 26 1.66 -12.66 11.19
CA LEU D 26 1.21 -13.43 12.34
C LEU D 26 1.21 -12.57 13.58
N LEU D 27 0.08 -12.53 14.27
CA LEU D 27 -0.10 -11.71 15.44
C LEU D 27 -0.36 -12.57 16.67
N PRO D 28 0.13 -12.15 17.82
CA PRO D 28 -0.38 -12.72 19.08
C PRO D 28 -1.86 -12.38 19.24
N CYS D 29 -2.62 -13.33 19.77
CA CYS D 29 -4.09 -13.21 19.73
C CYS D 29 -4.57 -11.93 20.37
N HIS D 30 -4.14 -11.69 21.62
CA HIS D 30 -4.49 -10.47 22.32
C HIS D 30 -4.26 -9.26 21.44
N VAL D 31 -3.12 -9.23 20.74
CA VAL D 31 -2.80 -8.09 19.90
C VAL D 31 -3.74 -8.00 18.70
N GLU D 33 -6.91 -9.22 18.46
CA GLU D 33 -8.25 -8.90 18.95
C GLU D 33 -8.49 -7.40 19.09
N GLN D 34 -7.42 -6.62 19.32
CA GLN D 34 -7.57 -5.15 19.36
C GLN D 34 -7.86 -4.60 17.97
N HIS D 35 -7.02 -4.94 17.00
CA HIS D 35 -7.27 -4.47 15.63
C HIS D 35 -8.62 -4.91 15.11
N TRP D 36 -9.06 -6.14 15.45
CA TRP D 36 -10.35 -6.60 14.99
C TRP D 36 -11.45 -5.60 15.37
N LYS D 37 -11.54 -5.28 16.67
CA LYS D 37 -12.57 -4.38 17.17
C LYS D 37 -12.50 -3.00 16.50
N PHE D 38 -11.27 -2.48 16.32
CA PHE D 38 -11.04 -1.31 15.49
C PHE D 38 -11.78 -1.38 14.14
N TYR D 39 -11.64 -2.50 13.39
CA TYR D 39 -12.17 -2.64 12.04
C TYR D 39 -13.62 -3.12 11.96
N VAL D 40 -14.22 -3.66 13.05
CA VAL D 40 -15.58 -4.22 12.98
C VAL D 40 -16.60 -3.10 12.77
N GLY D 41 -16.15 -1.86 12.90
CA GLY D 41 -16.73 -0.75 12.19
C GLY D 41 -17.73 0.10 12.95
N ARG D 42 -18.08 -0.28 14.18
CA ARG D 42 -19.06 0.50 14.94
C ARG D 42 -18.66 1.96 14.96
N SER D 43 -17.44 2.25 15.44
CA SER D 43 -16.95 3.62 15.49
C SER D 43 -16.89 4.26 14.10
N HIS D 44 -16.21 3.62 13.16
CA HIS D 44 -16.04 4.18 11.82
C HIS D 44 -15.65 3.07 10.85
N SER D 45 -16.17 3.17 9.62
CA SER D 45 -15.95 2.16 8.60
C SER D 45 -14.94 2.61 7.56
N GLU D 46 -14.36 3.80 7.74
CA GLU D 46 -13.43 4.36 6.76
C GLU D 46 -12.30 3.38 6.43
N ALA D 47 -11.69 2.78 7.46
CA ALA D 47 -10.48 1.99 7.25
C ALA D 47 -10.77 0.61 6.65
N LEU D 48 -12.02 0.16 6.62
CA LEU D 48 -12.29 -1.14 6.03
C LEU D 48 -12.67 -1.05 4.55
N LEU D 49 -13.02 0.14 4.07
CA LEU D 49 -13.29 0.34 2.65
C LEU D 49 -12.25 1.25 2.00
N SER D 50 -11.32 1.78 2.78
CA SER D 50 -10.19 2.52 2.24
C SER D 50 -9.09 1.54 1.85
N TRP D 51 -8.51 1.78 0.68
CA TRP D 51 -7.49 0.90 0.11
C TRP D 51 -6.27 1.74 -0.29
#